data_2C56
#
_entry.id   2C56
#
_cell.length_a   42.040
_cell.length_b   61.117
_cell.length_c   43.392
_cell.angle_alpha   90.00
_cell.angle_beta   92.25
_cell.angle_gamma   90.00
#
_symmetry.space_group_name_H-M   'P 1 21 1'
#
loop_
_entity.id
_entity.type
_entity.pdbx_description
1 polymer 'URACIL DNA GLYCOSYLASE'
2 branched beta-D-fructofuranose-(2-1)-alpha-D-glucopyranose
3 water water
#
_entity_poly.entity_id   1
_entity_poly.type   'polypeptide(L)'
_entity_poly.pdbx_seq_one_letter_code
;MDLTNGGVSPAATSAPLDWTTFRRVFLIDDAWRPLMEPELANPLTAHLLAEYNRRCQTEEVLPPREDVFSWTRYCTPDEV
RVVIIGQNPYHHPGQAHGLAFSVRANVPPPPSLRNVLAAVKNCYPEARMSGHGCLEKWARDGVLLLNTTLTVKRGAAASH
SRIGWDRFVGGVIRRLAARRPGLVFMLWGTHAQNAIRPDPRVHCVLKFSNPSPLSKVPFGTCQHFLVANRYLETRSISPI
DWSV
;
_entity_poly.pdbx_strand_id   A
#
loop_
_chem_comp.id
_chem_comp.type
_chem_comp.name
_chem_comp.formula
FRU D-saccharide, beta linking beta-D-fructofuranose 'C6 H12 O6'
GLC D-saccharide, alpha linking alpha-D-glucopyranose 'C6 H12 O6'
#
# COMPACT_ATOMS: atom_id res chain seq x y z
N LEU A 17 -21.07 4.20 13.29
CA LEU A 17 -20.14 4.56 12.15
C LEU A 17 -20.92 4.61 10.84
N ASP A 18 -21.20 5.82 10.37
CA ASP A 18 -21.95 6.03 9.14
C ASP A 18 -21.09 6.20 7.87
N TRP A 19 -21.33 5.39 6.83
CA TRP A 19 -20.51 5.47 5.61
C TRP A 19 -20.45 6.82 4.91
N THR A 20 -21.59 7.46 4.69
CA THR A 20 -21.57 8.75 3.97
C THR A 20 -20.68 9.76 4.67
N THR A 21 -20.79 9.83 5.99
CA THR A 21 -20.00 10.76 6.80
C THR A 21 -18.50 10.38 6.71
N PHE A 22 -18.21 9.12 6.93
CA PHE A 22 -16.83 8.65 6.88
C PHE A 22 -16.20 8.96 5.51
N ARG A 23 -16.95 8.62 4.45
CA ARG A 23 -16.48 8.81 3.08
C ARG A 23 -16.14 10.27 2.84
N ARG A 24 -17.05 11.17 3.25
CA ARG A 24 -16.86 12.61 3.10
C ARG A 24 -15.67 13.13 3.87
N VAL A 25 -15.50 12.67 5.12
CA VAL A 25 -14.36 13.13 5.93
C VAL A 25 -13.01 12.81 5.29
N PHE A 26 -12.84 11.64 4.70
CA PHE A 26 -11.53 11.28 4.15
C PHE A 26 -11.43 11.32 2.64
N LEU A 27 -12.47 11.85 1.99
CA LEU A 27 -12.55 11.94 0.52
C LEU A 27 -12.22 10.60 -0.09
N ILE A 28 -12.91 9.58 0.39
CA ILE A 28 -12.72 8.21 -0.07
C ILE A 28 -13.55 8.02 -1.31
N ASP A 29 -12.99 7.38 -2.33
CA ASP A 29 -13.78 7.16 -3.54
C ASP A 29 -14.84 6.10 -3.28
N ASP A 30 -16.07 6.35 -3.71
CA ASP A 30 -17.16 5.45 -3.44
C ASP A 30 -17.09 4.01 -4.02
N ALA A 31 -16.28 3.77 -5.04
CA ALA A 31 -16.16 2.42 -5.57
C ALA A 31 -15.67 1.45 -4.48
N TRP A 32 -15.05 1.98 -3.43
CA TRP A 32 -14.55 1.10 -2.36
C TRP A 32 -15.55 0.84 -1.26
N ARG A 33 -16.73 1.43 -1.36
CA ARG A 33 -17.74 1.25 -0.32
C ARG A 33 -18.01 -0.21 0.06
N PRO A 34 -18.27 -1.09 -0.92
CA PRO A 34 -18.52 -2.48 -0.51
C PRO A 34 -17.37 -3.13 0.23
N LEU A 35 -16.15 -2.68 -0.01
CA LEU A 35 -14.98 -3.24 0.68
C LEU A 35 -14.68 -2.61 2.03
N MET A 36 -15.09 -1.37 2.23
CA MET A 36 -14.77 -0.69 3.46
C MET A 36 -15.95 -0.49 4.41
N GLU A 37 -17.14 -0.28 3.86
CA GLU A 37 -18.27 -0.05 4.75
C GLU A 37 -18.43 -1.15 5.84
N PRO A 38 -18.32 -2.43 5.45
CA PRO A 38 -18.45 -3.49 6.44
C PRO A 38 -17.48 -3.29 7.61
N GLU A 39 -16.31 -2.69 7.36
CA GLU A 39 -15.33 -2.48 8.44
C GLU A 39 -15.82 -1.51 9.49
N LEU A 40 -16.72 -0.60 9.11
CA LEU A 40 -17.26 0.36 10.05
C LEU A 40 -18.19 -0.30 11.10
N ALA A 41 -18.60 -1.53 10.84
CA ALA A 41 -19.48 -2.20 11.79
C ALA A 41 -18.63 -2.89 12.88
N ASN A 42 -17.31 -2.98 12.68
CA ASN A 42 -16.48 -3.61 13.70
C ASN A 42 -16.28 -2.54 14.80
N PRO A 43 -16.68 -2.87 16.05
CA PRO A 43 -16.55 -1.97 17.22
C PRO A 43 -15.14 -1.39 17.36
N LEU A 44 -14.13 -2.17 16.98
CA LEU A 44 -12.75 -1.71 17.08
C LEU A 44 -12.41 -0.59 16.08
N THR A 45 -13.22 -0.41 15.04
CA THR A 45 -12.95 0.64 14.05
C THR A 45 -13.26 1.98 14.68
N ALA A 46 -14.29 2.04 15.52
CA ALA A 46 -14.66 3.28 16.17
C ALA A 46 -13.53 3.72 17.10
N HIS A 47 -12.93 2.75 17.76
CA HIS A 47 -11.83 3.02 18.69
C HIS A 47 -10.63 3.52 17.91
N LEU A 48 -10.36 2.89 16.77
CA LEU A 48 -9.24 3.29 15.90
C LEU A 48 -9.43 4.76 15.49
N LEU A 49 -10.59 5.06 14.92
CA LEU A 49 -10.88 6.44 14.46
C LEU A 49 -10.87 7.47 15.57
N ALA A 50 -11.35 7.11 16.75
CA ALA A 50 -11.30 8.11 17.84
C ALA A 50 -9.84 8.35 18.22
N GLU A 51 -9.03 7.27 18.24
CA GLU A 51 -7.64 7.44 18.60
C GLU A 51 -6.91 8.23 17.51
N TYR A 52 -7.19 7.94 16.24
CA TYR A 52 -6.56 8.68 15.16
C TYR A 52 -6.92 10.17 15.32
N ASN A 53 -8.18 10.45 15.64
CA ASN A 53 -8.56 11.84 15.80
C ASN A 53 -7.90 12.46 17.02
N ARG A 54 -7.80 11.70 18.09
CA ARG A 54 -7.12 12.22 19.27
C ARG A 54 -5.67 12.57 18.86
N ARG A 55 -5.01 11.65 18.16
CA ARG A 55 -3.63 11.92 17.70
C ARG A 55 -3.52 13.19 16.84
N CYS A 56 -4.43 13.37 15.89
CA CYS A 56 -4.36 14.57 15.04
C CYS A 56 -4.54 15.89 15.80
N GLN A 57 -5.19 15.81 16.96
CA GLN A 57 -5.43 16.99 17.79
C GLN A 57 -4.24 17.34 18.65
N THR A 58 -3.34 16.39 18.84
CA THR A 58 -2.18 16.60 19.70
C THR A 58 -0.82 16.42 19.02
N GLU A 59 -0.81 16.09 17.72
CA GLU A 59 0.46 15.84 17.03
C GLU A 59 0.31 16.28 15.62
N GLU A 60 1.43 16.44 14.91
CA GLU A 60 1.35 16.76 13.50
C GLU A 60 1.36 15.37 12.84
N VAL A 61 0.18 14.82 12.55
CA VAL A 61 0.05 13.48 11.98
C VAL A 61 0.19 13.49 10.46
N LEU A 62 0.93 12.51 9.93
CA LEU A 62 1.15 12.39 8.48
C LEU A 62 0.70 11.01 7.98
N PRO A 63 0.32 10.92 6.70
CA PRO A 63 0.20 11.99 5.70
C PRO A 63 -1.05 12.86 6.06
N PRO A 64 -1.23 14.03 5.44
CA PRO A 64 -2.40 14.85 5.76
C PRO A 64 -3.68 14.01 5.61
N ARG A 65 -4.71 14.41 6.35
CA ARG A 65 -5.94 13.68 6.33
C ARG A 65 -6.55 13.30 4.99
N GLU A 66 -6.52 14.24 4.06
CA GLU A 66 -7.12 14.02 2.76
C GLU A 66 -6.33 13.03 1.93
N ASP A 67 -5.16 12.62 2.42
CA ASP A 67 -4.31 11.65 1.68
C ASP A 67 -4.28 10.22 2.31
N VAL A 68 -4.74 10.11 3.56
CA VAL A 68 -4.71 8.82 4.25
C VAL A 68 -5.35 7.68 3.43
N PHE A 69 -6.39 8.00 2.68
CA PHE A 69 -7.06 7.03 1.85
C PHE A 69 -6.92 7.35 0.36
N SER A 70 -5.80 7.94 -0.01
CA SER A 70 -5.61 8.22 -1.44
C SER A 70 -5.66 6.94 -2.25
N TRP A 71 -5.32 5.81 -1.64
CA TRP A 71 -5.31 4.53 -2.36
C TRP A 71 -6.69 4.11 -2.88
N THR A 72 -7.76 4.64 -2.30
CA THR A 72 -9.12 4.32 -2.77
C THR A 72 -9.47 5.09 -4.08
N ARG A 73 -8.73 6.13 -4.39
CA ARG A 73 -8.97 7.02 -5.55
C ARG A 73 -8.27 6.66 -6.87
N TYR A 74 -7.03 6.16 -6.79
CA TYR A 74 -6.26 5.81 -7.97
C TYR A 74 -6.88 4.71 -8.80
N CYS A 75 -7.48 3.71 -8.15
CA CYS A 75 -8.15 2.67 -8.90
C CYS A 75 -9.27 2.11 -8.04
N THR A 76 -10.20 1.40 -8.69
CA THR A 76 -11.34 0.79 -7.98
C THR A 76 -10.90 -0.61 -7.51
N PRO A 77 -11.68 -1.25 -6.65
CA PRO A 77 -11.30 -2.59 -6.17
C PRO A 77 -11.18 -3.61 -7.30
N ASP A 78 -12.09 -3.54 -8.29
CA ASP A 78 -12.05 -4.51 -9.40
C ASP A 78 -10.89 -4.30 -10.33
N GLU A 79 -10.24 -3.15 -10.22
CA GLU A 79 -9.07 -2.90 -11.05
C GLU A 79 -7.79 -3.38 -10.38
N VAL A 80 -7.85 -3.76 -9.10
CA VAL A 80 -6.61 -4.16 -8.45
C VAL A 80 -6.09 -5.46 -9.11
N ARG A 81 -4.81 -5.45 -9.50
CA ARG A 81 -4.16 -6.62 -10.10
C ARG A 81 -3.01 -7.11 -9.22
N VAL A 82 -2.31 -6.17 -8.57
CA VAL A 82 -1.20 -6.51 -7.68
C VAL A 82 -1.35 -5.75 -6.35
N VAL A 83 -1.06 -6.42 -5.25
CA VAL A 83 -1.12 -5.78 -3.93
C VAL A 83 0.30 -5.80 -3.34
N ILE A 84 0.84 -4.63 -3.05
CA ILE A 84 2.17 -4.56 -2.46
C ILE A 84 1.97 -3.96 -1.07
N ILE A 85 2.42 -4.69 -0.06
CA ILE A 85 2.22 -4.23 1.31
C ILE A 85 3.35 -3.44 1.95
N GLY A 86 3.03 -2.28 2.55
CA GLY A 86 4.05 -1.49 3.22
C GLY A 86 3.84 -1.57 4.74
N GLN A 87 4.71 -0.94 5.50
CA GLN A 87 4.55 -0.98 6.96
C GLN A 87 3.97 0.32 7.54
N ASN A 88 4.77 1.39 7.52
CA ASN A 88 4.36 2.69 8.07
C ASN A 88 4.67 3.78 7.05
N PRO A 89 3.95 4.91 7.12
CA PRO A 89 4.25 6.00 6.16
C PRO A 89 5.49 6.83 6.56
N TYR A 90 6.14 7.48 5.58
CA TYR A 90 7.26 8.36 5.86
C TYR A 90 6.79 9.39 6.89
N HIS A 91 7.69 9.83 7.77
CA HIS A 91 7.31 10.74 8.86
C HIS A 91 7.89 12.16 8.75
N HIS A 92 8.36 12.53 7.57
CA HIS A 92 8.85 13.89 7.34
C HIS A 92 7.83 14.58 6.42
N PRO A 93 7.49 15.87 6.67
CA PRO A 93 6.51 16.53 5.83
C PRO A 93 6.86 16.52 4.34
N GLY A 94 5.85 16.35 3.49
CA GLY A 94 6.07 16.38 2.05
C GLY A 94 6.45 15.05 1.42
N GLN A 95 6.66 14.01 2.22
CA GLN A 95 7.04 12.72 1.66
C GLN A 95 5.85 11.79 1.35
N ALA A 96 5.20 11.28 2.39
CA ALA A 96 4.04 10.35 2.25
C ALA A 96 2.80 11.04 1.71
N HIS A 97 2.04 10.33 0.86
CA HIS A 97 0.82 10.85 0.29
C HIS A 97 -0.26 9.79 0.24
N GLY A 98 -0.13 8.77 1.10
CA GLY A 98 -1.16 7.74 1.20
C GLY A 98 -0.95 6.37 0.56
N LEU A 99 0.13 6.23 -0.21
CA LEU A 99 0.46 4.94 -0.85
C LEU A 99 1.72 4.39 -0.20
N ALA A 100 1.79 3.08 -0.09
CA ALA A 100 2.98 2.43 0.42
C ALA A 100 4.16 2.88 -0.48
N PHE A 101 5.35 3.00 0.10
CA PHE A 101 6.59 3.34 -0.62
C PHE A 101 6.71 4.65 -1.38
N SER A 102 5.65 5.01 -2.08
CA SER A 102 5.62 6.24 -2.89
C SER A 102 5.92 7.54 -2.13
N VAL A 103 6.52 8.51 -2.84
CA VAL A 103 6.73 9.83 -2.25
C VAL A 103 6.23 10.81 -3.29
N ARG A 104 5.98 12.05 -2.88
CA ARG A 104 5.53 13.04 -3.82
C ARG A 104 6.63 13.28 -4.84
N ALA A 105 6.18 13.62 -6.03
CA ALA A 105 7.02 13.79 -7.19
C ALA A 105 8.27 14.66 -7.09
N ASN A 106 8.33 15.59 -6.12
CA ASN A 106 9.52 16.44 -6.00
C ASN A 106 10.52 15.99 -4.95
N VAL A 107 10.32 14.78 -4.41
CA VAL A 107 11.18 14.23 -3.38
C VAL A 107 12.11 13.13 -3.92
N PRO A 108 13.43 13.30 -3.76
CA PRO A 108 14.33 12.24 -4.27
C PRO A 108 13.92 10.97 -3.49
N PRO A 109 13.72 9.86 -4.18
CA PRO A 109 13.32 8.62 -3.51
C PRO A 109 14.11 8.25 -2.25
N PRO A 110 13.45 8.04 -1.09
CA PRO A 110 14.24 7.66 0.10
C PRO A 110 14.84 6.25 -0.15
N PRO A 111 15.77 5.77 0.70
CA PRO A 111 16.39 4.45 0.52
C PRO A 111 15.54 3.26 0.11
N SER A 112 14.45 2.97 0.83
CA SER A 112 13.61 1.83 0.50
C SER A 112 13.05 1.92 -0.94
N LEU A 113 12.56 3.11 -1.32
CA LEU A 113 11.97 3.36 -2.63
C LEU A 113 13.06 3.28 -3.70
N ARG A 114 14.22 3.84 -3.41
CA ARG A 114 15.38 3.79 -4.31
C ARG A 114 15.68 2.32 -4.59
N ASN A 115 15.70 1.52 -3.54
CA ASN A 115 15.93 0.07 -3.70
C ASN A 115 14.85 -0.60 -4.58
N VAL A 116 13.58 -0.24 -4.38
CA VAL A 116 12.52 -0.82 -5.20
C VAL A 116 12.67 -0.43 -6.67
N LEU A 117 12.94 0.83 -6.92
CA LEU A 117 13.08 1.31 -8.30
C LEU A 117 14.32 0.67 -8.94
N ALA A 118 15.35 0.37 -8.15
CA ALA A 118 16.55 -0.24 -8.73
C ALA A 118 16.22 -1.65 -9.17
N ALA A 119 15.52 -2.43 -8.34
CA ALA A 119 15.11 -3.78 -8.77
C ALA A 119 14.27 -3.70 -10.06
N VAL A 120 13.33 -2.77 -10.09
CA VAL A 120 12.49 -2.60 -11.28
C VAL A 120 13.38 -2.38 -12.51
N LYS A 121 14.35 -1.46 -12.39
CA LYS A 121 15.26 -1.17 -13.47
C LYS A 121 16.10 -2.40 -13.82
N ASN A 122 16.45 -3.23 -12.83
CA ASN A 122 17.23 -4.42 -13.14
C ASN A 122 16.36 -5.44 -13.87
N CYS A 123 15.06 -5.47 -13.57
CA CYS A 123 14.17 -6.40 -14.24
C CYS A 123 13.90 -5.95 -15.68
N TYR A 124 13.87 -4.63 -15.87
CA TYR A 124 13.55 -3.99 -17.15
C TYR A 124 14.61 -2.99 -17.51
N PRO A 125 15.74 -3.48 -18.01
CA PRO A 125 16.83 -2.59 -18.38
C PRO A 125 16.43 -1.48 -19.34
N GLU A 126 15.38 -1.70 -20.12
CA GLU A 126 14.91 -0.71 -21.09
C GLU A 126 13.83 0.23 -20.59
N ALA A 127 13.24 -0.04 -19.44
CA ALA A 127 12.18 0.82 -18.93
C ALA A 127 12.64 2.28 -18.92
N ARG A 128 11.77 3.19 -19.35
CA ARG A 128 12.12 4.59 -19.36
C ARG A 128 11.65 5.09 -17.99
N MET A 129 12.58 5.14 -17.05
CA MET A 129 12.30 5.58 -15.68
C MET A 129 12.40 7.10 -15.61
N SER A 130 11.51 7.74 -14.84
CA SER A 130 11.51 9.19 -14.71
C SER A 130 12.55 9.68 -13.68
N GLY A 131 12.90 8.84 -12.71
CA GLY A 131 13.85 9.31 -11.72
C GLY A 131 13.13 9.78 -10.45
N HIS A 132 11.83 10.08 -10.56
CA HIS A 132 11.08 10.45 -9.35
C HIS A 132 10.49 9.20 -8.72
N GLY A 133 9.95 9.34 -7.51
CA GLY A 133 9.42 8.18 -6.81
C GLY A 133 7.92 8.19 -6.54
N CYS A 134 7.17 8.95 -7.35
CA CYS A 134 5.73 9.01 -7.17
C CYS A 134 5.14 7.84 -7.96
N LEU A 135 4.53 6.91 -7.24
CA LEU A 135 3.96 5.70 -7.84
C LEU A 135 2.49 5.81 -8.26
N GLU A 136 2.01 7.04 -8.46
CA GLU A 136 0.64 7.23 -8.89
C GLU A 136 0.35 6.44 -10.16
N LYS A 137 1.30 6.37 -11.07
CA LYS A 137 1.11 5.64 -12.32
C LYS A 137 0.81 4.15 -12.04
N TRP A 138 1.57 3.55 -11.12
CA TRP A 138 1.32 2.14 -10.74
C TRP A 138 -0.07 2.02 -10.12
N ALA A 139 -0.41 2.93 -9.21
CA ALA A 139 -1.71 2.88 -8.54
C ALA A 139 -2.88 2.94 -9.54
N ARG A 140 -2.80 3.86 -10.49
CA ARG A 140 -3.85 4.00 -11.51
C ARG A 140 -3.99 2.71 -12.30
N ASP A 141 -2.88 2.00 -12.47
CA ASP A 141 -2.88 0.72 -13.18
C ASP A 141 -3.32 -0.46 -12.32
N GLY A 142 -3.81 -0.21 -11.10
CA GLY A 142 -4.22 -1.33 -10.27
C GLY A 142 -3.14 -2.01 -9.42
N VAL A 143 -2.07 -1.30 -9.09
CA VAL A 143 -1.05 -1.87 -8.18
C VAL A 143 -1.45 -1.19 -6.86
N LEU A 144 -2.06 -1.95 -5.95
CA LEU A 144 -2.51 -1.40 -4.68
C LEU A 144 -1.34 -1.35 -3.72
N LEU A 145 -0.91 -0.14 -3.36
CA LEU A 145 0.24 0.09 -2.49
C LEU A 145 -0.29 0.44 -1.11
N LEU A 146 -0.41 -0.57 -0.28
CA LEU A 146 -1.02 -0.32 1.00
C LEU A 146 -0.19 -0.60 2.24
N ASN A 147 -0.09 0.42 3.07
CA ASN A 147 0.61 0.32 4.36
C ASN A 147 -0.36 -0.34 5.34
N THR A 148 0.15 -1.16 6.27
CA THR A 148 -0.71 -1.77 7.27
C THR A 148 -1.01 -0.72 8.35
N THR A 149 -0.15 0.29 8.51
CA THR A 149 -0.39 1.40 9.45
C THR A 149 -0.44 2.62 8.52
N LEU A 150 -1.57 3.31 8.49
CA LEU A 150 -1.73 4.43 7.55
C LEU A 150 -1.23 5.79 8.00
N THR A 151 -0.97 6.00 9.30
CA THR A 151 -0.53 7.29 9.78
C THR A 151 0.68 7.21 10.70
N VAL A 152 1.24 8.36 11.03
CA VAL A 152 2.41 8.42 11.87
C VAL A 152 2.55 9.86 12.42
N LYS A 153 3.24 9.98 13.55
CA LYS A 153 3.50 11.27 14.14
C LYS A 153 4.77 11.76 13.48
N ARG A 154 4.77 13.00 13.06
CA ARG A 154 5.92 13.59 12.43
C ARG A 154 7.19 13.41 13.26
N GLY A 155 8.28 13.00 12.61
CA GLY A 155 9.55 12.85 13.33
C GLY A 155 9.72 11.62 14.24
N ALA A 156 8.74 10.71 14.24
CA ALA A 156 8.81 9.49 15.08
C ALA A 156 8.35 8.29 14.22
N ALA A 157 9.28 7.56 13.63
CA ALA A 157 8.88 6.43 12.79
C ALA A 157 8.01 5.39 13.51
N ALA A 158 7.04 4.85 12.78
CA ALA A 158 6.16 3.79 13.31
C ALA A 158 5.45 4.15 14.61
N SER A 159 5.37 5.43 14.92
CA SER A 159 4.75 5.88 16.13
C SER A 159 3.25 5.55 16.24
N HIS A 160 2.57 5.26 15.12
CA HIS A 160 1.14 4.90 15.19
C HIS A 160 0.85 3.42 14.94
N SER A 161 1.90 2.58 14.97
CA SER A 161 1.73 1.14 14.65
C SER A 161 0.85 0.34 15.59
N ARG A 162 0.55 0.90 16.76
CA ARG A 162 -0.27 0.18 17.70
C ARG A 162 -1.69 0.76 17.85
N ILE A 163 -2.06 1.76 17.07
CA ILE A 163 -3.37 2.37 17.25
C ILE A 163 -4.55 1.65 16.62
N GLY A 164 -4.28 0.55 15.91
CA GLY A 164 -5.35 -0.20 15.28
C GLY A 164 -5.49 -0.23 13.77
N TRP A 165 -4.62 0.46 13.00
CA TRP A 165 -4.80 0.43 11.54
C TRP A 165 -4.67 -0.95 10.90
N ASP A 166 -3.74 -1.73 11.42
CA ASP A 166 -3.43 -3.03 10.85
C ASP A 166 -4.59 -4.01 10.76
N ARG A 167 -5.50 -3.97 11.72
CA ARG A 167 -6.64 -4.88 11.66
C ARG A 167 -7.64 -4.36 10.60
N PHE A 168 -7.90 -3.05 10.60
CA PHE A 168 -8.79 -2.43 9.64
C PHE A 168 -8.27 -2.69 8.23
N VAL A 169 -6.99 -2.43 8.01
CA VAL A 169 -6.40 -2.64 6.69
C VAL A 169 -6.44 -4.13 6.33
N GLY A 170 -6.09 -4.99 7.27
CA GLY A 170 -6.12 -6.41 6.98
C GLY A 170 -7.51 -6.86 6.59
N GLY A 171 -8.54 -6.27 7.22
CA GLY A 171 -9.92 -6.64 6.92
C GLY A 171 -10.29 -6.28 5.50
N VAL A 172 -9.90 -5.07 5.09
CA VAL A 172 -10.16 -4.62 3.73
C VAL A 172 -9.45 -5.55 2.75
N ILE A 173 -8.19 -5.89 3.03
CA ILE A 173 -7.46 -6.76 2.12
C ILE A 173 -8.12 -8.14 2.10
N ARG A 174 -8.60 -8.62 3.23
CA ARG A 174 -9.26 -9.93 3.22
C ARG A 174 -10.51 -9.89 2.36
N ARG A 175 -11.35 -8.86 2.50
CA ARG A 175 -12.55 -8.80 1.68
C ARG A 175 -12.20 -8.68 0.19
N LEU A 176 -11.17 -7.89 -0.11
CA LEU A 176 -10.74 -7.74 -1.50
C LEU A 176 -10.31 -9.07 -2.07
N ALA A 177 -9.57 -9.84 -1.27
CA ALA A 177 -9.09 -11.13 -1.73
C ALA A 177 -10.20 -12.15 -1.98
N ALA A 178 -11.26 -12.12 -1.17
CA ALA A 178 -12.40 -13.05 -1.30
C ALA A 178 -13.24 -12.70 -2.51
N ARG A 179 -13.24 -11.42 -2.82
CA ARG A 179 -14.00 -10.89 -3.92
C ARG A 179 -13.24 -11.13 -5.21
N ARG A 180 -11.91 -11.10 -5.09
CA ARG A 180 -11.04 -11.24 -6.26
C ARG A 180 -10.02 -12.40 -6.32
N PRO A 181 -10.33 -13.49 -7.05
CA PRO A 181 -9.47 -14.65 -7.23
C PRO A 181 -8.35 -14.27 -8.23
N GLY A 182 -7.12 -14.74 -8.06
CA GLY A 182 -6.05 -14.40 -9.00
C GLY A 182 -5.23 -13.11 -8.79
N LEU A 183 -5.21 -12.59 -7.58
CA LEU A 183 -4.42 -11.39 -7.28
C LEU A 183 -2.99 -11.78 -7.10
N VAL A 184 -2.05 -10.87 -7.37
CA VAL A 184 -0.65 -11.15 -7.09
C VAL A 184 -0.36 -10.33 -5.82
N PHE A 185 0.30 -10.93 -4.83
CA PHE A 185 0.64 -10.20 -3.60
C PHE A 185 2.14 -10.14 -3.56
N MET A 186 2.72 -8.98 -3.27
CA MET A 186 4.19 -8.90 -3.09
C MET A 186 4.36 -8.55 -1.60
N LEU A 187 4.84 -9.53 -0.84
CA LEU A 187 5.07 -9.42 0.61
C LEU A 187 6.59 -9.34 0.88
N TRP A 188 7.05 -8.12 1.11
CA TRP A 188 8.47 -7.87 1.33
C TRP A 188 8.80 -7.62 2.80
N GLY A 189 9.62 -8.51 3.36
CA GLY A 189 10.03 -8.39 4.75
C GLY A 189 9.11 -9.14 5.67
N THR A 190 9.57 -9.34 6.89
CA THR A 190 8.82 -10.07 7.92
C THR A 190 7.42 -9.56 8.23
N HIS A 191 7.34 -8.28 8.51
CA HIS A 191 6.07 -7.67 8.88
C HIS A 191 4.97 -7.86 7.83
N ALA A 192 5.28 -7.58 6.58
CA ALA A 192 4.33 -7.77 5.48
C ALA A 192 3.89 -9.23 5.40
N GLN A 193 4.85 -10.15 5.49
CA GLN A 193 4.54 -11.58 5.44
C GLN A 193 3.68 -12.07 6.62
N ASN A 194 3.82 -11.46 7.80
CA ASN A 194 3.02 -11.84 8.97
C ASN A 194 1.64 -11.23 8.96
N ALA A 195 1.47 -10.09 8.30
CA ALA A 195 0.18 -9.43 8.32
C ALA A 195 -0.85 -9.95 7.33
N ILE A 196 -0.38 -10.40 6.19
CA ILE A 196 -1.27 -10.86 5.16
C ILE A 196 -0.83 -12.26 4.76
N ARG A 197 -1.76 -13.20 4.87
CA ARG A 197 -1.46 -14.59 4.52
C ARG A 197 -2.53 -15.14 3.59
N PRO A 198 -2.50 -14.71 2.32
CA PRO A 198 -3.44 -15.09 1.26
C PRO A 198 -3.39 -16.56 0.91
N ASP A 199 -4.53 -17.14 0.55
CA ASP A 199 -4.53 -18.53 0.14
C ASP A 199 -3.67 -18.63 -1.12
N PRO A 200 -2.50 -19.29 -1.02
CA PRO A 200 -1.56 -19.48 -2.12
C PRO A 200 -2.10 -20.27 -3.27
N ARG A 201 -3.22 -20.96 -3.07
CA ARG A 201 -3.79 -21.72 -4.18
C ARG A 201 -4.72 -20.85 -5.01
N VAL A 202 -5.24 -19.77 -4.42
CA VAL A 202 -6.17 -18.86 -5.08
C VAL A 202 -5.46 -17.62 -5.69
N HIS A 203 -4.39 -17.20 -5.02
CA HIS A 203 -3.63 -16.01 -5.41
C HIS A 203 -2.18 -16.36 -5.59
N CYS A 204 -1.44 -15.49 -6.27
CA CYS A 204 -0.02 -15.69 -6.47
C CYS A 204 0.65 -14.90 -5.33
N VAL A 205 1.27 -15.62 -4.39
CA VAL A 205 1.89 -14.94 -3.24
C VAL A 205 3.39 -14.94 -3.39
N LEU A 206 3.96 -13.75 -3.57
CA LEU A 206 5.39 -13.59 -3.77
C LEU A 206 6.03 -12.96 -2.54
N LYS A 207 7.06 -13.62 -2.04
CA LYS A 207 7.73 -13.14 -0.85
C LYS A 207 9.18 -12.77 -1.16
N PHE A 208 9.71 -11.78 -0.45
CA PHE A 208 11.11 -11.40 -0.62
C PHE A 208 11.58 -10.71 0.67
N SER A 209 12.88 -10.45 0.77
CA SER A 209 13.39 -9.73 1.92
C SER A 209 12.90 -8.28 1.78
N ASN A 210 13.14 -7.49 2.83
CA ASN A 210 12.70 -6.10 2.87
C ASN A 210 13.49 -5.12 2.01
N PRO A 211 12.82 -4.18 1.28
CA PRO A 211 13.60 -3.20 0.48
C PRO A 211 14.18 -2.15 1.47
N SER A 212 13.74 -2.22 2.73
CA SER A 212 14.24 -1.30 3.76
C SER A 212 15.78 -1.22 3.78
N PRO A 213 16.35 -0.02 4.02
CA PRO A 213 17.81 0.02 4.03
C PRO A 213 18.45 -0.77 5.17
N LEU A 214 17.67 -1.12 6.19
CA LEU A 214 18.23 -1.90 7.32
C LEU A 214 18.53 -3.34 6.91
N SER A 215 17.92 -3.82 5.83
CA SER A 215 18.16 -5.19 5.38
C SER A 215 19.62 -5.33 4.90
N LYS A 216 20.29 -6.42 5.27
CA LYS A 216 21.64 -6.65 4.77
C LYS A 216 21.52 -7.56 3.54
N VAL A 217 20.28 -7.96 3.23
CA VAL A 217 20.02 -8.78 2.04
C VAL A 217 19.68 -7.80 0.90
N PRO A 218 20.44 -7.85 -0.18
CA PRO A 218 20.19 -6.94 -1.31
C PRO A 218 18.78 -7.07 -1.90
N PHE A 219 18.06 -5.97 -2.07
CA PHE A 219 16.74 -6.01 -2.67
C PHE A 219 16.82 -5.94 -4.19
N GLY A 220 17.98 -5.52 -4.68
CA GLY A 220 18.17 -5.35 -6.12
C GLY A 220 17.94 -6.54 -7.02
N THR A 221 18.00 -7.74 -6.47
CA THR A 221 17.84 -8.93 -7.28
C THR A 221 16.39 -9.38 -7.30
N CYS A 222 15.51 -8.61 -6.69
CA CYS A 222 14.11 -9.01 -6.67
C CYS A 222 13.51 -9.07 -8.06
N GLN A 223 12.91 -10.21 -8.41
CA GLN A 223 12.29 -10.32 -9.72
C GLN A 223 10.79 -10.43 -9.67
N HIS A 224 10.19 -10.04 -8.56
CA HIS A 224 8.75 -10.12 -8.46
C HIS A 224 7.98 -9.48 -9.59
N PHE A 225 8.45 -8.35 -10.08
CA PHE A 225 7.74 -7.66 -11.16
C PHE A 225 7.56 -8.53 -12.41
N LEU A 226 8.59 -9.32 -12.72
CA LEU A 226 8.56 -10.20 -13.87
C LEU A 226 7.73 -11.41 -13.53
N VAL A 227 7.93 -11.96 -12.33
CA VAL A 227 7.16 -13.15 -11.93
C VAL A 227 5.66 -12.85 -11.92
N ALA A 228 5.31 -11.67 -11.40
CA ALA A 228 3.92 -11.25 -11.33
C ALA A 228 3.27 -11.23 -12.73
N ASN A 229 3.92 -10.60 -13.71
CA ASN A 229 3.34 -10.52 -15.03
C ASN A 229 3.16 -11.90 -15.67
N ARG A 230 4.13 -12.80 -15.48
CA ARG A 230 3.93 -14.16 -16.03
C ARG A 230 2.69 -14.76 -15.40
N TYR A 231 2.54 -14.64 -14.10
CA TYR A 231 1.34 -15.17 -13.47
C TYR A 231 0.06 -14.57 -14.06
N LEU A 232 -0.01 -13.23 -14.11
CA LEU A 232 -1.19 -12.56 -14.63
C LEU A 232 -1.54 -13.11 -16.02
N GLU A 233 -0.53 -13.26 -16.88
CA GLU A 233 -0.81 -13.78 -18.22
C GLU A 233 -1.42 -15.18 -18.20
N THR A 234 -1.00 -16.03 -17.28
CA THR A 234 -1.58 -17.36 -17.19
C THR A 234 -3.00 -17.27 -16.74
N ARG A 235 -3.41 -16.12 -16.16
CA ARG A 235 -4.79 -15.95 -15.73
C ARG A 235 -5.53 -15.03 -16.71
N SER A 236 -4.94 -14.81 -17.86
CA SER A 236 -5.54 -13.97 -18.89
C SER A 236 -5.82 -12.55 -18.38
N ILE A 237 -4.92 -12.06 -17.53
CA ILE A 237 -5.03 -10.72 -17.02
C ILE A 237 -3.87 -9.95 -17.63
N SER A 238 -4.13 -8.72 -18.07
CA SER A 238 -3.08 -7.89 -18.66
C SER A 238 -1.94 -7.64 -17.66
N PRO A 239 -0.68 -7.65 -18.14
CA PRO A 239 0.50 -7.42 -17.31
C PRO A 239 0.63 -5.94 -16.94
N ILE A 240 1.46 -5.65 -15.93
CA ILE A 240 1.72 -4.30 -15.43
C ILE A 240 2.96 -3.73 -16.15
N ASP A 241 2.89 -2.47 -16.57
CA ASP A 241 4.04 -1.78 -17.17
C ASP A 241 4.68 -1.15 -15.91
N TRP A 242 5.80 -1.70 -15.44
CA TRP A 242 6.43 -1.19 -14.21
C TRP A 242 7.25 0.07 -14.32
N SER A 243 7.40 0.63 -15.54
CA SER A 243 8.19 1.86 -15.66
C SER A 243 7.47 2.94 -14.85
N VAL A 244 8.21 3.91 -14.33
CA VAL A 244 7.61 4.98 -13.53
C VAL A 244 8.58 6.12 -13.37
C1 GLC B . 21.60 -2.10 -3.07
C2 GLC B . 20.83 -3.20 -2.33
C3 GLC B . 19.89 -2.62 -1.26
C4 GLC B . 20.76 -1.80 -0.30
C5 GLC B . 21.50 -0.67 -1.07
C6 GLC B . 22.38 0.20 -0.16
O2 GLC B . 20.07 -4.00 -3.31
O3 GLC B . 19.20 -3.68 -0.57
O4 GLC B . 19.90 -1.23 0.74
O5 GLC B . 22.31 -1.25 -2.13
O6 GLC B . 22.79 1.32 -0.92
C1 FRU B . 20.62 -1.70 -6.38
C1 FRU B . 20.55 -1.74 -6.35
C2 FRU B . 21.01 -0.85 -5.17
C3 FRU B . 20.37 0.54 -5.22
C4 FRU B . 21.46 1.45 -4.70
C5 FRU B . 22.71 0.73 -5.32
C6 FRU B . 24.04 1.03 -4.63
O1 FRU B . 20.67 -3.08 -6.04
O1 FRU B . 21.26 -1.48 -7.56
O2 FRU B . 20.62 -1.49 -3.95
O3 FRU B . 19.16 0.60 -4.46
O4 FRU B . 21.28 2.79 -5.20
O5 FRU B . 22.44 -0.71 -5.26
O6 FRU B . 23.97 0.63 -3.26
#